data_5GGJ
#
_entry.id   5GGJ
#
_cell.length_a   69.490
_cell.length_b   88.830
_cell.length_c   53.533
_cell.angle_alpha   90.00
_cell.angle_beta   90.00
_cell.angle_gamma   90.00
#
_symmetry.space_group_name_H-M   'P 21 21 2'
#
loop_
_entity.id
_entity.type
_entity.pdbx_description
1 polymer 'Protein O-linked-mannose beta-1,2-N-acetylglucosaminyltransferase 1'
2 non-polymer '4-nitrophenyl alpha-D-mannopyranoside'
3 water water
#
_entity_poly.entity_id   1
_entity_poly.type   'polypeptide(L)'
_entity_poly.pdbx_seq_one_letter_code
;GPLGSGSGPRRVLDVEVYSSRSKVYVAVDGTTVLEDEAREQGRGIHVIVLNQATGHVMAKRVFDTYSPHEDEAMVLFLNM
VAPGRVLICTVKDEGSFHLKDTAKALLRSLGSQAGPALGWRDTWAFVGRKGGPVFGEKHSKSPALSSWGDPVLLKTDVPL
SSAE
;
_entity_poly.pdbx_strand_id   A,B
#
# COMPACT_ATOMS: atom_id res chain seq x y z
N ARG A 11 -5.29 -10.28 10.47
CA ARG A 11 -5.03 -10.04 9.05
C ARG A 11 -4.25 -8.75 8.84
N VAL A 12 -3.60 -8.29 9.91
CA VAL A 12 -2.97 -6.98 9.90
C VAL A 12 -1.85 -6.98 10.93
N LEU A 13 -0.79 -6.27 10.62
CA LEU A 13 0.32 -6.04 11.54
C LEU A 13 0.26 -4.59 11.98
N ASP A 14 0.41 -4.37 13.28
CA ASP A 14 0.52 -3.03 13.84
C ASP A 14 2.02 -2.68 13.90
N VAL A 15 2.46 -1.76 13.04
CA VAL A 15 3.89 -1.46 12.87
C VAL A 15 4.15 -0.03 13.35
N GLU A 16 5.16 0.13 14.21
CA GLU A 16 5.55 1.46 14.67
C GLU A 16 7.01 1.66 14.31
N VAL A 17 7.33 2.82 13.74
CA VAL A 17 8.68 3.12 13.26
C VAL A 17 9.06 4.51 13.74
N TYR A 18 10.24 4.62 14.37
CA TYR A 18 10.68 5.89 14.93
C TYR A 18 12.04 6.23 14.33
N SER A 19 12.20 7.48 13.88
CA SER A 19 13.45 7.98 13.30
C SER A 19 13.78 9.30 13.97
N SER A 20 15.03 9.46 14.40
CA SER A 20 15.44 10.70 15.05
C SER A 20 16.96 10.78 15.06
N ARG A 21 17.47 11.91 15.57
CA ARG A 21 18.89 12.15 15.68
C ARG A 21 19.59 11.04 16.46
N SER A 22 19.04 10.67 17.61
CA SER A 22 19.76 9.82 18.54
C SER A 22 19.13 8.46 18.77
N LYS A 23 18.02 8.14 18.11
CA LYS A 23 17.31 6.92 18.46
C LYS A 23 16.46 6.45 17.29
N VAL A 24 16.49 5.14 17.04
CA VAL A 24 15.53 4.48 16.16
C VAL A 24 14.93 3.28 16.90
N TYR A 25 13.69 2.96 16.55
CA TYR A 25 13.12 1.68 16.94
C TYR A 25 12.04 1.30 15.95
N VAL A 26 11.75 -0.01 15.91
CA VAL A 26 10.65 -0.58 15.15
C VAL A 26 9.96 -1.57 16.06
N ALA A 27 8.63 -1.47 16.14
CA ALA A 27 7.81 -2.41 16.88
C ALA A 27 6.81 -3.03 15.92
N VAL A 28 6.55 -4.31 16.11
CA VAL A 28 5.60 -5.07 15.31
C VAL A 28 4.66 -5.78 16.28
N ASP A 29 3.37 -5.45 16.19
CA ASP A 29 2.37 -6.05 17.06
C ASP A 29 2.71 -5.90 18.54
N GLY A 30 3.29 -4.74 18.88
CA GLY A 30 3.57 -4.43 20.27
C GLY A 30 4.85 -5.02 20.79
N THR A 31 5.70 -5.55 19.93
CA THR A 31 6.97 -6.13 20.33
C THR A 31 8.08 -5.36 19.62
N THR A 32 9.06 -4.89 20.37
CA THR A 32 10.17 -4.14 19.78
C THR A 32 11.10 -5.11 19.07
N VAL A 33 11.23 -4.96 17.76
CA VAL A 33 12.15 -5.80 17.01
C VAL A 33 13.46 -5.11 16.66
N LEU A 34 13.56 -3.80 16.86
CA LEU A 34 14.79 -3.06 16.60
C LEU A 34 14.77 -1.90 17.57
N GLU A 35 15.88 -1.67 18.27
CA GLU A 35 15.98 -0.50 19.14
C GLU A 35 17.45 -0.15 19.25
N ASP A 36 17.80 1.07 18.86
CA ASP A 36 19.17 1.57 18.96
C ASP A 36 19.11 3.00 19.48
N GLU A 37 19.47 3.17 20.75
CA GLU A 37 19.57 4.47 21.39
C GLU A 37 21.00 4.77 21.83
N ALA A 38 21.97 4.02 21.31
CA ALA A 38 23.35 4.17 21.75
C ALA A 38 23.98 5.39 21.11
N ARG A 39 24.65 6.23 21.90
CA ARG A 39 25.32 7.39 21.34
C ARG A 39 26.46 6.95 20.44
N GLU A 40 26.61 7.64 19.31
CA GLU A 40 27.77 7.45 18.43
C GLU A 40 27.79 6.07 17.77
N GLN A 41 26.64 5.44 17.63
CA GLN A 41 26.55 4.13 17.00
C GLN A 41 25.27 4.04 16.20
N GLY A 42 25.27 3.14 15.21
CA GLY A 42 24.07 2.85 14.45
C GLY A 42 23.65 3.94 13.49
N ARG A 43 24.59 4.78 13.07
CA ARG A 43 24.25 5.84 12.11
C ARG A 43 23.80 5.23 10.79
N GLY A 44 22.78 5.84 10.16
CA GLY A 44 22.43 5.55 8.79
C GLY A 44 21.00 5.06 8.65
N ILE A 45 20.76 4.24 7.64
CA ILE A 45 19.46 3.69 7.34
C ILE A 45 19.38 2.27 7.88
N HIS A 46 18.48 2.06 8.83
CA HIS A 46 18.17 0.73 9.34
C HIS A 46 17.08 0.12 8.47
N VAL A 47 17.26 -1.16 8.14
CA VAL A 47 16.33 -1.86 7.24
C VAL A 47 15.88 -3.15 7.90
N ILE A 48 14.57 -3.34 8.02
CA ILE A 48 13.98 -4.58 8.51
C ILE A 48 13.11 -5.16 7.42
N VAL A 49 13.21 -6.48 7.20
CA VAL A 49 12.40 -7.22 6.24
C VAL A 49 11.53 -8.19 7.02
N LEU A 50 10.21 -8.13 6.79
CA LEU A 50 9.31 -9.04 7.48
C LEU A 50 8.63 -9.98 6.48
N ASN A 51 8.40 -11.21 6.93
CA ASN A 51 7.50 -12.13 6.22
C ASN A 51 6.10 -11.55 6.14
N GLN A 52 5.53 -11.55 4.93
CA GLN A 52 4.28 -10.84 4.68
C GLN A 52 3.05 -11.58 5.16
N ALA A 53 3.18 -12.83 5.62
CA ALA A 53 2.05 -13.55 6.19
C ALA A 53 2.07 -13.61 7.71
N THR A 54 3.27 -13.68 8.32
CA THR A 54 3.40 -13.84 9.77
C THR A 54 3.98 -12.62 10.48
N GLY A 55 4.63 -11.71 9.76
CA GLY A 55 5.36 -10.62 10.39
C GLY A 55 6.70 -10.99 11.01
N HIS A 56 7.14 -12.23 10.89
CA HIS A 56 8.44 -12.60 11.45
C HIS A 56 9.55 -11.85 10.74
N VAL A 57 10.58 -11.49 11.50
CA VAL A 57 11.72 -10.76 10.95
C VAL A 57 12.58 -11.71 10.13
N MET A 58 12.75 -11.39 8.84
CA MET A 58 13.59 -12.20 7.96
C MET A 58 15.01 -11.66 7.85
N ALA A 59 15.20 -10.36 8.04
CA ALA A 59 16.52 -9.75 7.93
C ALA A 59 16.50 -8.41 8.64
N LYS A 60 17.63 -8.07 9.24
CA LYS A 60 17.81 -6.77 9.88
C LYS A 60 19.20 -6.28 9.55
N ARG A 61 19.29 -5.07 9.02
CA ARG A 61 20.56 -4.51 8.55
C ARG A 61 20.62 -3.04 8.92
N VAL A 62 21.83 -2.51 8.96
CA VAL A 62 22.05 -1.07 9.06
C VAL A 62 23.09 -0.65 8.03
N PHE A 63 22.75 0.32 7.19
CA PHE A 63 23.67 0.85 6.18
C PHE A 63 24.03 2.28 6.54
N ASP A 64 25.31 2.51 6.83
CA ASP A 64 25.78 3.84 7.21
C ASP A 64 26.00 4.66 5.94
N THR A 65 24.89 5.12 5.37
CA THR A 65 24.91 5.85 4.12
C THR A 65 25.36 7.30 4.27
N TYR A 66 25.73 7.73 5.48
CA TYR A 66 26.57 8.90 5.63
C TYR A 66 27.98 8.68 5.10
N SER A 67 28.41 7.40 4.98
CA SER A 67 29.77 7.05 4.55
C SER A 67 29.75 6.41 3.17
N PRO A 68 30.82 6.56 2.39
CA PRO A 68 30.84 5.98 1.03
C PRO A 68 30.72 4.47 1.06
N HIS A 69 30.14 3.92 -0.01
CA HIS A 69 30.06 2.49 -0.30
C HIS A 69 28.90 1.78 0.35
N GLU A 70 28.34 2.34 1.43
CA GLU A 70 27.26 1.67 2.13
C GLU A 70 25.99 1.64 1.31
N ASP A 71 25.74 2.68 0.50
CA ASP A 71 24.57 2.68 -0.39
C ASP A 71 24.66 1.55 -1.42
N GLU A 72 25.85 1.28 -1.95
CA GLU A 72 26.02 0.16 -2.87
C GLU A 72 25.69 -1.17 -2.20
N ALA A 73 26.05 -1.33 -0.93
CA ALA A 73 25.69 -2.54 -0.21
C ALA A 73 24.19 -2.59 0.03
N MET A 74 23.58 -1.46 0.32
CA MET A 74 22.12 -1.43 0.49
C MET A 74 21.41 -1.83 -0.80
N VAL A 75 21.89 -1.35 -1.94
CA VAL A 75 21.28 -1.72 -3.23
C VAL A 75 21.39 -3.22 -3.47
N LEU A 76 22.58 -3.79 -3.24
CA LEU A 76 22.74 -5.23 -3.47
C LEU A 76 21.83 -6.03 -2.56
N PHE A 77 21.69 -5.60 -1.30
CA PHE A 77 20.82 -6.30 -0.36
C PHE A 77 19.36 -6.19 -0.74
N LEU A 78 18.90 -4.98 -1.00
CA LEU A 78 17.48 -4.79 -1.32
C LEU A 78 17.09 -5.49 -2.60
N ASN A 79 17.99 -5.57 -3.58
CA ASN A 79 17.63 -6.24 -4.82
C ASN A 79 17.40 -7.74 -4.65
N MET A 80 17.92 -8.34 -3.56
CA MET A 80 17.66 -9.76 -3.29
C MET A 80 16.42 -10.02 -2.44
N VAL A 81 15.79 -8.97 -1.90
CA VAL A 81 14.54 -9.14 -1.15
C VAL A 81 13.43 -9.52 -2.11
N ALA A 82 12.62 -10.49 -1.72
CA ALA A 82 11.54 -10.95 -2.60
C ALA A 82 10.44 -9.90 -2.68
N PRO A 83 9.78 -9.77 -3.83
CA PRO A 83 8.74 -8.71 -3.96
C PRO A 83 7.62 -8.73 -2.93
N GLY A 84 7.25 -9.88 -2.38
CA GLY A 84 6.14 -9.80 -1.43
C GLY A 84 6.47 -9.31 -0.03
N ARG A 85 7.74 -9.15 0.31
CA ARG A 85 8.11 -8.88 1.69
C ARG A 85 7.66 -7.50 2.14
N VAL A 86 7.52 -7.34 3.46
CA VAL A 86 7.32 -6.03 4.06
C VAL A 86 8.70 -5.42 4.35
N LEU A 87 8.91 -4.20 3.90
CA LEU A 87 10.18 -3.48 4.00
C LEU A 87 9.97 -2.28 4.92
N ILE A 88 10.83 -2.14 5.92
CA ILE A 88 10.80 -1.04 6.88
C ILE A 88 12.16 -0.37 6.88
N CYS A 89 12.17 0.96 6.74
CA CYS A 89 13.38 1.75 6.82
C CYS A 89 13.24 2.87 7.84
N THR A 90 14.32 3.15 8.56
CA THR A 90 14.32 4.27 9.49
C THR A 90 15.73 4.82 9.64
N VAL A 91 15.86 6.15 9.69
CA VAL A 91 17.16 6.81 9.73
C VAL A 91 17.53 7.19 11.16
N LYS A 92 18.79 6.95 11.50
CA LYS A 92 19.38 7.46 12.75
C LYS A 92 20.49 8.44 12.41
N ASP A 93 20.38 9.67 12.90
CA ASP A 93 21.41 10.71 12.78
C ASP A 93 21.50 11.28 11.36
N GLU A 94 22.12 10.55 10.43
CA GLU A 94 22.33 11.07 9.09
C GLU A 94 22.37 9.90 8.12
N GLY A 95 21.54 9.96 7.08
CA GLY A 95 21.49 8.87 6.11
C GLY A 95 21.64 9.28 4.65
N SER A 96 22.01 10.55 4.40
CA SER A 96 21.93 11.10 3.06
C SER A 96 23.26 11.41 2.39
N PHE A 97 24.35 11.68 3.14
CA PHE A 97 25.54 12.26 2.51
C PHE A 97 26.04 11.40 1.35
N HIS A 98 26.04 10.09 1.52
CA HIS A 98 26.45 9.14 0.48
C HIS A 98 25.31 8.21 0.05
N LEU A 99 24.09 8.72 0.06
CA LEU A 99 22.96 8.03 -0.58
C LEU A 99 22.90 8.51 -2.01
N LYS A 100 23.50 7.75 -2.91
CA LYS A 100 23.73 8.26 -4.24
C LYS A 100 22.60 7.86 -5.18
N ASP A 101 22.79 8.11 -6.48
CA ASP A 101 21.64 8.09 -7.39
C ASP A 101 21.05 6.71 -7.57
N THR A 102 21.88 5.66 -7.59
CA THR A 102 21.30 4.34 -7.84
C THR A 102 20.45 3.89 -6.65
N ALA A 103 20.91 4.17 -5.42
CA ALA A 103 20.11 3.84 -4.26
C ALA A 103 18.83 4.68 -4.22
N LYS A 104 18.92 5.98 -4.53
CA LYS A 104 17.72 6.81 -4.57
C LYS A 104 16.71 6.30 -5.59
N ALA A 105 17.20 5.87 -6.76
CA ALA A 105 16.29 5.32 -7.77
C ALA A 105 15.64 4.04 -7.30
N LEU A 106 16.36 3.24 -6.51
CA LEU A 106 15.77 2.01 -5.99
C LEU A 106 14.68 2.33 -4.99
N LEU A 107 14.93 3.29 -4.10
CA LEU A 107 13.88 3.74 -3.18
C LEU A 107 12.68 4.31 -3.92
N ARG A 108 12.92 5.05 -5.01
CA ARG A 108 11.82 5.56 -5.81
C ARG A 108 11.00 4.43 -6.42
N SER A 109 11.67 3.35 -6.84
CA SER A 109 10.96 2.21 -7.43
C SER A 109 10.08 1.49 -6.41
N LEU A 110 10.40 1.59 -5.12
CA LEU A 110 9.52 1.05 -4.10
C LEU A 110 8.28 1.91 -3.86
N GLY A 111 8.24 3.10 -4.45
CA GLY A 111 7.18 4.04 -4.18
C GLY A 111 7.49 5.09 -3.14
N SER A 112 8.68 5.06 -2.53
CA SER A 112 9.01 6.03 -1.49
C SER A 112 9.05 7.43 -2.07
N GLN A 113 8.39 8.36 -1.38
CA GLN A 113 8.38 9.75 -1.77
C GLN A 113 9.52 10.52 -1.15
N ALA A 114 9.87 10.20 0.10
CA ALA A 114 10.87 10.94 0.84
C ALA A 114 12.26 10.36 0.67
N GLY A 115 12.36 9.04 0.49
CA GLY A 115 13.66 8.41 0.36
C GLY A 115 14.50 8.99 -0.77
N PRO A 116 13.93 9.13 -1.96
CA PRO A 116 14.75 9.64 -3.08
C PRO A 116 15.18 11.08 -2.89
N ALA A 117 14.59 11.80 -1.94
CA ALA A 117 14.89 13.20 -1.70
C ALA A 117 15.55 13.42 -0.36
N LEU A 118 15.97 12.35 0.30
CA LEU A 118 16.51 12.46 1.65
C LEU A 118 17.71 13.41 1.65
N GLY A 119 17.72 14.32 2.62
CA GLY A 119 18.74 15.34 2.75
C GLY A 119 19.44 15.29 4.10
N TRP A 120 20.36 16.24 4.27
CA TRP A 120 21.30 16.27 5.39
C TRP A 120 20.58 16.30 6.73
N ARG A 121 20.71 15.22 7.50
CA ARG A 121 20.16 15.11 8.85
C ARG A 121 18.65 15.08 8.88
N ASP A 122 18.00 14.81 7.74
CA ASP A 122 16.56 14.59 7.72
C ASP A 122 16.23 13.30 8.46
N THR A 123 15.04 13.26 9.04
CA THR A 123 14.50 12.03 9.61
C THR A 123 13.50 11.40 8.64
N TRP A 124 13.39 10.07 8.70
CA TRP A 124 12.61 9.36 7.70
C TRP A 124 12.22 7.98 8.25
N ALA A 125 10.93 7.66 8.16
CA ALA A 125 10.40 6.34 8.51
C ALA A 125 9.53 5.86 7.36
N PHE A 126 9.65 4.57 7.04
CA PHE A 126 9.01 4.04 5.83
C PHE A 126 8.55 2.62 6.07
N VAL A 127 7.33 2.29 5.63
CA VAL A 127 6.84 0.92 5.67
C VAL A 127 6.14 0.63 4.34
N GLY A 128 6.57 -0.42 3.65
CA GLY A 128 5.88 -0.75 2.41
C GLY A 128 6.18 -2.15 1.92
N ARG A 129 5.36 -2.62 0.96
CA ARG A 129 5.64 -3.90 0.32
C ARG A 129 6.75 -3.72 -0.72
N LYS A 130 7.68 -4.68 -0.77
CA LYS A 130 8.82 -4.57 -1.67
C LYS A 130 8.38 -4.28 -3.09
N GLY A 131 7.40 -5.05 -3.59
CA GLY A 131 6.89 -4.79 -4.93
C GLY A 131 5.73 -3.80 -5.03
N GLY A 132 5.53 -2.98 -4.00
CA GLY A 132 4.46 -1.98 -3.98
C GLY A 132 3.19 -2.56 -3.41
N PRO A 133 2.34 -1.71 -2.78
CA PRO A 133 2.52 -0.27 -2.56
C PRO A 133 3.14 0.12 -1.23
N VAL A 134 3.38 1.42 -1.06
CA VAL A 134 3.80 1.95 0.23
C VAL A 134 2.60 1.97 1.17
N PHE A 135 2.84 1.60 2.43
CA PHE A 135 1.79 1.59 3.44
C PHE A 135 1.81 2.82 4.34
N GLY A 136 3.00 3.30 4.70
CA GLY A 136 3.11 4.50 5.51
C GLY A 136 4.47 5.10 5.32
N GLU A 137 4.56 6.43 5.50
CA GLU A 137 5.84 7.12 5.32
C GLU A 137 5.75 8.48 6.01
N LYS A 138 6.82 8.85 6.72
CA LYS A 138 6.92 10.16 7.32
C LYS A 138 8.34 10.69 7.10
N HIS A 139 8.46 12.01 6.98
CA HIS A 139 9.75 12.62 6.70
C HIS A 139 9.75 14.00 7.36
N SER A 140 10.88 14.39 7.95
CA SER A 140 11.04 15.75 8.45
C SER A 140 12.37 16.28 7.94
N LYS A 141 12.30 17.38 7.18
CA LYS A 141 13.50 18.02 6.65
C LYS A 141 14.21 18.79 7.77
N SER A 142 15.53 18.58 7.88
CA SER A 142 16.32 19.36 8.81
C SER A 142 16.25 20.83 8.44
N PRO A 143 16.04 21.74 9.40
CA PRO A 143 15.82 23.15 9.05
C PRO A 143 17.10 23.94 8.84
N ALA A 144 18.26 23.36 9.16
CA ALA A 144 19.54 24.06 9.09
C ALA A 144 20.62 23.00 9.19
N LEU A 145 21.80 23.32 8.65
CA LEU A 145 22.88 22.35 8.64
C LEU A 145 23.28 21.92 10.05
N SER A 146 23.13 22.80 11.04
CA SER A 146 23.47 22.47 12.42
C SER A 146 22.34 21.77 13.16
N SER A 147 21.21 21.52 12.51
CA SER A 147 20.03 20.93 13.13
C SER A 147 19.67 19.61 12.47
N TRP A 148 18.77 18.89 13.11
CA TRP A 148 18.22 17.65 12.57
C TRP A 148 16.74 17.83 12.28
N GLY A 149 16.19 16.95 11.46
CA GLY A 149 14.75 16.89 11.33
C GLY A 149 14.08 16.55 12.65
N ASP A 150 12.79 16.88 12.74
CA ASP A 150 12.01 16.56 13.93
C ASP A 150 11.92 15.05 14.06
N PRO A 151 11.95 14.49 15.27
CA PRO A 151 11.70 13.04 15.39
C PRO A 151 10.35 12.69 14.78
N VAL A 152 10.29 11.61 14.01
CA VAL A 152 9.03 11.14 13.43
C VAL A 152 8.68 9.77 13.98
N LEU A 153 7.41 9.60 14.35
CA LEU A 153 6.85 8.36 14.84
C LEU A 153 5.73 7.98 13.87
N LEU A 154 5.96 6.95 13.07
CA LEU A 154 5.01 6.46 12.09
C LEU A 154 4.33 5.21 12.63
N LYS A 155 3.00 5.21 12.62
CA LYS A 155 2.21 4.06 13.05
C LYS A 155 1.33 3.62 11.89
N THR A 156 1.54 2.40 11.42
CA THR A 156 0.94 1.94 10.16
C THR A 156 0.34 0.56 10.36
N ASP A 157 -0.89 0.36 9.88
CA ASP A 157 -1.51 -0.96 9.86
C ASP A 157 -1.16 -1.60 8.52
N VAL A 158 -0.40 -2.67 8.54
CA VAL A 158 0.12 -3.33 7.35
C VAL A 158 -0.75 -4.55 7.06
N PRO A 159 -1.30 -4.72 5.86
CA PRO A 159 -2.07 -5.92 5.58
C PRO A 159 -1.20 -7.17 5.50
N LEU A 160 -1.76 -8.28 5.96
CA LEU A 160 -1.08 -9.56 5.90
C LEU A 160 -1.66 -10.42 4.78
N SER A 161 -0.80 -11.22 4.17
CA SER A 161 -1.27 -12.14 3.15
C SER A 161 -1.76 -13.44 3.79
N SER A 162 -2.53 -14.21 3.04
CA SER A 162 -3.18 -15.38 3.61
C SER A 162 -3.46 -16.39 2.51
N ALA A 163 -4.45 -17.25 2.76
CA ALA A 163 -4.88 -18.31 1.84
C ALA A 163 -3.76 -19.28 1.51
N ARG B 11 0.67 -16.16 -20.83
CA ARG B 11 0.18 -14.80 -20.83
C ARG B 11 -0.81 -14.49 -19.72
N VAL B 12 -0.32 -13.90 -18.63
CA VAL B 12 -1.11 -13.70 -17.42
C VAL B 12 -0.75 -12.35 -16.79
N LEU B 13 -1.75 -11.63 -16.32
CA LEU B 13 -1.54 -10.35 -15.64
C LEU B 13 -1.40 -10.54 -14.14
N ASP B 14 -0.45 -9.82 -13.56
CA ASP B 14 -0.28 -9.74 -12.11
C ASP B 14 -1.04 -8.49 -11.65
N VAL B 15 -2.14 -8.68 -10.93
CA VAL B 15 -3.03 -7.59 -10.52
C VAL B 15 -2.97 -7.44 -9.01
N GLU B 16 -2.67 -6.23 -8.55
CA GLU B 16 -2.61 -5.93 -7.13
C GLU B 16 -3.59 -4.81 -6.83
N VAL B 17 -4.40 -4.99 -5.78
CA VAL B 17 -5.51 -4.10 -5.46
C VAL B 17 -5.50 -3.82 -3.96
N TYR B 18 -5.37 -2.54 -3.60
CA TYR B 18 -5.31 -2.11 -2.20
C TYR B 18 -6.54 -1.27 -1.87
N SER B 19 -7.19 -1.61 -0.75
CA SER B 19 -8.33 -0.88 -0.22
C SER B 19 -8.07 -0.55 1.23
N SER B 20 -8.29 0.71 1.61
CA SER B 20 -8.04 1.14 2.98
C SER B 20 -8.78 2.44 3.26
N ARG B 21 -8.72 2.86 4.51
CA ARG B 21 -9.36 4.10 4.92
C ARG B 21 -8.92 5.29 4.06
N SER B 22 -7.61 5.43 3.84
CA SER B 22 -7.04 6.66 3.31
C SER B 22 -6.50 6.55 1.89
N LYS B 23 -6.50 5.37 1.29
CA LYS B 23 -5.78 5.23 0.03
C LYS B 23 -6.28 4.00 -0.71
N VAL B 24 -6.49 4.15 -2.02
CA VAL B 24 -6.66 3.02 -2.91
C VAL B 24 -5.51 2.99 -3.88
N TYR B 25 -5.16 1.78 -4.32
CA TYR B 25 -4.06 1.59 -5.25
C TYR B 25 -4.34 0.33 -6.07
N VAL B 26 -4.10 0.42 -7.37
CA VAL B 26 -4.21 -0.73 -8.25
C VAL B 26 -3.01 -0.72 -9.20
N ALA B 27 -2.34 -1.87 -9.33
CA ALA B 27 -1.26 -2.04 -10.30
C ALA B 27 -1.54 -3.26 -11.16
N VAL B 28 -1.18 -3.18 -12.44
CA VAL B 28 -1.29 -4.30 -13.36
C VAL B 28 0.07 -4.51 -13.98
N ASP B 29 0.62 -5.72 -13.82
CA ASP B 29 1.97 -6.04 -14.29
C ASP B 29 2.98 -5.01 -13.81
N GLY B 30 2.83 -4.59 -12.56
CA GLY B 30 3.78 -3.68 -11.95
C GLY B 30 3.70 -2.24 -12.39
N THR B 31 2.63 -1.83 -13.05
CA THR B 31 2.42 -0.44 -13.45
C THR B 31 1.19 0.07 -12.72
N THR B 32 1.35 1.13 -11.94
CA THR B 32 0.22 1.71 -11.21
C THR B 32 -0.79 2.27 -12.20
N VAL B 33 -2.02 1.78 -12.14
CA VAL B 33 -3.12 2.30 -12.94
C VAL B 33 -4.10 3.12 -12.13
N LEU B 34 -4.05 3.03 -10.80
CA LEU B 34 -4.84 3.90 -9.94
C LEU B 34 -4.06 4.11 -8.66
N GLU B 35 -4.00 5.36 -8.20
CA GLU B 35 -3.53 5.66 -6.85
C GLU B 35 -4.23 6.93 -6.40
N ASP B 36 -5.02 6.83 -5.33
CA ASP B 36 -5.72 8.00 -4.80
C ASP B 36 -5.55 7.95 -3.28
N GLU B 37 -4.69 8.81 -2.77
CA GLU B 37 -4.59 9.10 -1.35
C GLU B 37 -4.88 10.57 -1.09
N ALA B 38 -5.66 11.17 -1.99
CA ALA B 38 -5.94 12.59 -1.91
C ALA B 38 -6.81 12.89 -0.71
N ARG B 39 -6.54 14.00 -0.05
CA ARG B 39 -7.20 14.32 1.21
C ARG B 39 -8.63 14.80 0.92
N GLU B 40 -9.61 14.10 1.49
CA GLU B 40 -11.04 14.35 1.27
C GLU B 40 -11.43 14.34 -0.21
N GLN B 41 -10.85 13.41 -0.96
CA GLN B 41 -11.26 13.18 -2.35
C GLN B 41 -11.34 11.67 -2.57
N GLY B 42 -12.12 11.29 -3.58
CA GLY B 42 -12.10 9.90 -4.03
C GLY B 42 -12.77 8.90 -3.11
N ARG B 43 -13.67 9.35 -2.25
CA ARG B 43 -14.40 8.42 -1.39
C ARG B 43 -15.32 7.53 -2.22
N GLY B 44 -15.39 6.26 -1.84
CA GLY B 44 -16.39 5.34 -2.37
C GLY B 44 -15.76 4.17 -3.11
N ILE B 45 -16.53 3.63 -4.08
CA ILE B 45 -16.12 2.44 -4.81
C ILE B 45 -15.44 2.88 -6.09
N HIS B 46 -14.16 2.55 -6.22
CA HIS B 46 -13.40 2.76 -7.45
C HIS B 46 -13.57 1.54 -8.33
N VAL B 47 -13.86 1.76 -9.62
CA VAL B 47 -14.10 0.68 -10.57
C VAL B 47 -13.18 0.89 -11.78
N ILE B 48 -12.47 -0.17 -12.16
CA ILE B 48 -11.61 -0.19 -13.33
C ILE B 48 -12.05 -1.33 -14.23
N VAL B 49 -12.19 -1.07 -15.52
CA VAL B 49 -12.50 -2.10 -16.51
C VAL B 49 -11.28 -2.31 -17.37
N LEU B 50 -10.81 -3.55 -17.46
CA LEU B 50 -9.67 -3.92 -18.31
C LEU B 50 -10.16 -4.69 -19.52
N ASN B 51 -9.54 -4.43 -20.67
CA ASN B 51 -9.74 -5.29 -21.83
C ASN B 51 -9.10 -6.64 -21.51
N GLN B 52 -9.83 -7.73 -21.78
CA GLN B 52 -9.39 -9.06 -21.38
C GLN B 52 -8.22 -9.57 -22.22
N ALA B 53 -8.09 -9.08 -23.44
CA ALA B 53 -6.83 -9.17 -24.15
C ALA B 53 -6.08 -7.90 -23.76
N THR B 54 -4.77 -7.89 -23.94
CA THR B 54 -3.97 -6.71 -23.60
C THR B 54 -3.92 -6.39 -22.11
N GLY B 55 -5.04 -6.45 -21.38
CA GLY B 55 -5.03 -6.02 -20.00
C GLY B 55 -5.00 -4.51 -19.80
N HIS B 56 -5.19 -3.75 -20.86
CA HIS B 56 -5.16 -2.30 -20.76
C HIS B 56 -6.46 -1.77 -20.18
N VAL B 57 -6.34 -0.66 -19.45
CA VAL B 57 -7.51 -0.01 -18.87
C VAL B 57 -8.39 0.53 -19.99
N MET B 58 -9.67 0.11 -20.00
CA MET B 58 -10.66 0.76 -20.87
C MET B 58 -11.31 1.97 -20.19
N ALA B 59 -11.66 1.88 -18.91
CA ALA B 59 -12.30 2.99 -18.22
C ALA B 59 -12.01 2.90 -16.74
N LYS B 60 -11.96 4.05 -16.08
CA LYS B 60 -11.78 4.11 -14.63
CA LYS B 60 -11.79 4.11 -14.64
C LYS B 60 -12.82 5.08 -14.08
N ARG B 61 -13.49 4.71 -13.00
CA ARG B 61 -14.50 5.58 -12.39
C ARG B 61 -14.40 5.52 -10.87
N VAL B 62 -15.05 6.48 -10.20
CA VAL B 62 -15.27 6.41 -8.75
C VAL B 62 -16.71 6.82 -8.47
N PHE B 63 -17.40 6.05 -7.62
CA PHE B 63 -18.79 6.31 -7.26
C PHE B 63 -18.86 6.47 -5.76
N ASP B 64 -19.29 7.66 -5.33
CA ASP B 64 -19.35 7.99 -3.90
C ASP B 64 -20.63 7.42 -3.30
N THR B 65 -20.63 6.08 -3.14
CA THR B 65 -21.83 5.38 -2.69
C THR B 65 -22.10 5.53 -1.19
N TYR B 66 -21.20 6.19 -0.45
CA TYR B 66 -21.58 6.74 0.85
C TYR B 66 -22.72 7.74 0.75
N SER B 67 -22.81 8.49 -0.34
CA SER B 67 -23.78 9.56 -0.53
C SER B 67 -24.99 9.05 -1.31
N PRO B 68 -26.17 9.62 -1.05
CA PRO B 68 -27.38 9.16 -1.74
C PRO B 68 -27.25 9.24 -3.25
N HIS B 69 -27.74 8.20 -3.93
CA HIS B 69 -28.01 8.16 -5.36
C HIS B 69 -26.78 7.90 -6.23
N GLU B 70 -25.56 7.96 -5.70
CA GLU B 70 -24.40 7.69 -6.54
C GLU B 70 -24.35 6.24 -6.98
N ASP B 71 -25.04 5.34 -6.28
CA ASP B 71 -25.08 3.94 -6.69
C ASP B 71 -25.80 3.76 -8.02
N GLU B 72 -26.78 4.61 -8.35
CA GLU B 72 -27.48 4.50 -9.63
C GLU B 72 -26.53 4.72 -10.79
N ALA B 73 -25.57 5.64 -10.63
CA ALA B 73 -24.58 5.86 -11.67
C ALA B 73 -23.66 4.66 -11.80
N MET B 74 -23.33 4.05 -10.67
CA MET B 74 -22.51 2.84 -10.71
C MET B 74 -23.23 1.69 -11.42
N VAL B 75 -24.53 1.52 -11.14
CA VAL B 75 -25.32 0.50 -11.83
C VAL B 75 -25.30 0.73 -13.33
N LEU B 76 -25.46 1.99 -13.75
CA LEU B 76 -25.49 2.28 -15.18
C LEU B 76 -24.17 1.89 -15.83
N PHE B 77 -23.06 2.25 -15.19
CA PHE B 77 -21.74 1.96 -15.73
C PHE B 77 -21.48 0.46 -15.76
N LEU B 78 -21.74 -0.24 -14.65
CA LEU B 78 -21.47 -1.68 -14.61
C LEU B 78 -22.29 -2.44 -15.65
N ASN B 79 -23.55 -2.05 -15.85
CA ASN B 79 -24.37 -2.76 -16.84
C ASN B 79 -23.89 -2.57 -18.27
N MET B 80 -23.10 -1.53 -18.53
CA MET B 80 -22.52 -1.36 -19.85
C MET B 80 -21.26 -2.20 -20.06
N VAL B 81 -20.69 -2.78 -19.00
CA VAL B 81 -19.49 -3.58 -19.19
C VAL B 81 -19.84 -4.84 -19.97
N ALA B 82 -19.04 -5.14 -20.98
CA ALA B 82 -19.31 -6.33 -21.78
C ALA B 82 -18.97 -7.59 -20.99
N PRO B 83 -19.72 -8.67 -21.18
CA PRO B 83 -19.30 -9.96 -20.65
C PRO B 83 -17.90 -10.28 -21.14
N GLY B 84 -17.07 -10.76 -20.22
CA GLY B 84 -15.71 -11.09 -20.53
C GLY B 84 -14.70 -10.09 -20.07
N ARG B 85 -15.08 -8.82 -19.89
CA ARG B 85 -14.13 -7.82 -19.40
C ARG B 85 -13.68 -8.19 -18.00
N VAL B 86 -12.51 -7.68 -17.60
CA VAL B 86 -12.02 -7.83 -16.24
C VAL B 86 -12.41 -6.60 -15.44
N LEU B 87 -13.11 -6.82 -14.33
CA LEU B 87 -13.54 -5.76 -13.42
C LEU B 87 -12.68 -5.75 -12.15
N ILE B 88 -12.24 -4.58 -11.75
CA ILE B 88 -11.56 -4.37 -10.48
C ILE B 88 -12.37 -3.35 -9.68
N CYS B 89 -12.63 -3.66 -8.40
CA CYS B 89 -13.33 -2.72 -7.53
C CYS B 89 -12.49 -2.58 -6.27
N THR B 90 -12.41 -1.37 -5.75
CA THR B 90 -11.74 -1.15 -4.49
C THR B 90 -12.30 0.06 -3.76
N VAL B 91 -12.45 -0.06 -2.44
CA VAL B 91 -13.10 0.96 -1.62
C VAL B 91 -12.07 1.90 -0.98
N LYS B 92 -12.32 3.21 -1.08
CA LYS B 92 -11.62 4.22 -0.30
C LYS B 92 -12.57 4.80 0.73
N ASP B 93 -12.20 4.68 2.01
CA ASP B 93 -12.94 5.25 3.14
C ASP B 93 -14.27 4.56 3.44
N GLU B 94 -15.28 4.72 2.58
CA GLU B 94 -16.61 4.21 2.88
C GLU B 94 -17.38 4.09 1.58
N GLY B 95 -17.93 2.91 1.35
CA GLY B 95 -18.68 2.66 0.12
C GLY B 95 -20.05 2.04 0.32
N SER B 96 -20.52 1.89 1.56
CA SER B 96 -21.77 1.18 1.82
C SER B 96 -22.97 2.06 2.19
N PHE B 97 -22.75 3.28 2.67
CA PHE B 97 -23.79 3.90 3.50
C PHE B 97 -25.10 4.10 2.73
N HIS B 98 -25.02 4.52 1.46
CA HIS B 98 -26.21 4.63 0.61
C HIS B 98 -26.14 3.69 -0.59
N LEU B 99 -25.52 2.53 -0.41
CA LEU B 99 -25.43 1.50 -1.46
C LEU B 99 -26.68 0.64 -1.36
N LYS B 100 -27.63 0.85 -2.28
CA LYS B 100 -28.95 0.25 -2.12
C LYS B 100 -28.98 -1.17 -2.67
N ASP B 101 -30.13 -1.82 -2.49
CA ASP B 101 -30.29 -3.24 -2.79
C ASP B 101 -30.04 -3.55 -4.27
N THR B 102 -30.50 -2.69 -5.18
CA THR B 102 -30.29 -2.97 -6.60
C THR B 102 -28.81 -3.06 -6.92
N ALA B 103 -28.03 -2.09 -6.45
CA ALA B 103 -26.60 -2.12 -6.68
C ALA B 103 -25.92 -3.33 -6.01
N LYS B 104 -26.34 -3.66 -4.78
CA LYS B 104 -25.77 -4.82 -4.11
C LYS B 104 -26.05 -6.11 -4.85
N ALA B 105 -27.27 -6.25 -5.41
CA ALA B 105 -27.61 -7.42 -6.21
C ALA B 105 -26.79 -7.47 -7.48
N LEU B 106 -26.44 -6.30 -8.02
CA LEU B 106 -25.60 -6.27 -9.21
C LEU B 106 -24.18 -6.69 -8.87
N LEU B 107 -23.64 -6.20 -7.75
CA LEU B 107 -22.31 -6.65 -7.36
C LEU B 107 -22.31 -8.15 -7.12
N ARG B 108 -23.37 -8.67 -6.51
CA ARG B 108 -23.45 -10.11 -6.33
C ARG B 108 -23.47 -10.84 -7.67
N SER B 109 -24.19 -10.32 -8.66
CA SER B 109 -24.24 -11.01 -9.96
C SER B 109 -22.88 -11.04 -10.64
N LEU B 110 -21.98 -10.12 -10.28
CA LEU B 110 -20.62 -10.12 -10.81
C LEU B 110 -19.73 -11.13 -10.09
N GLY B 111 -20.22 -11.75 -9.03
CA GLY B 111 -19.52 -12.78 -8.30
C GLY B 111 -19.05 -12.35 -6.93
N SER B 112 -19.29 -11.11 -6.53
CA SER B 112 -18.76 -10.62 -5.26
C SER B 112 -19.48 -11.24 -4.07
N GLN B 113 -18.71 -11.70 -3.08
CA GLN B 113 -19.28 -12.12 -1.81
C GLN B 113 -19.44 -10.96 -0.83
N ALA B 114 -18.56 -9.97 -0.91
CA ALA B 114 -18.59 -8.84 0.02
C ALA B 114 -19.55 -7.75 -0.43
N GLY B 115 -19.64 -7.49 -1.72
CA GLY B 115 -20.53 -6.47 -2.26
C GLY B 115 -21.92 -6.48 -1.69
N PRO B 116 -22.61 -7.62 -1.76
CA PRO B 116 -24.00 -7.67 -1.28
C PRO B 116 -24.15 -7.51 0.22
N ALA B 117 -23.05 -7.58 0.98
CA ALA B 117 -23.12 -7.44 2.42
C ALA B 117 -22.29 -6.25 2.91
N LEU B 118 -21.87 -5.37 2.00
CA LEU B 118 -20.91 -4.33 2.34
C LEU B 118 -21.48 -3.43 3.44
N GLY B 119 -20.67 -3.20 4.47
CA GLY B 119 -21.10 -2.47 5.64
C GLY B 119 -20.25 -1.23 5.88
N TRP B 120 -20.58 -0.53 6.97
CA TRP B 120 -20.03 0.79 7.28
C TRP B 120 -18.51 0.74 7.42
N ARG B 121 -17.82 1.46 6.54
CA ARG B 121 -16.36 1.62 6.56
C ARG B 121 -15.62 0.31 6.32
N ASP B 122 -16.30 -0.71 5.80
CA ASP B 122 -15.61 -1.94 5.40
C ASP B 122 -14.65 -1.63 4.26
N THR B 123 -13.52 -2.32 4.25
CA THR B 123 -12.65 -2.30 3.08
C THR B 123 -12.95 -3.48 2.18
N TRP B 124 -12.65 -3.33 0.88
CA TRP B 124 -13.07 -4.33 -0.09
C TRP B 124 -12.22 -4.17 -1.35
N ALA B 125 -11.68 -5.29 -1.83
CA ALA B 125 -10.92 -5.36 -3.08
C ALA B 125 -11.45 -6.57 -3.87
N PHE B 126 -11.71 -6.37 -5.18
CA PHE B 126 -12.31 -7.43 -5.98
C PHE B 126 -11.73 -7.43 -7.40
N VAL B 127 -11.45 -8.61 -7.94
CA VAL B 127 -11.05 -8.75 -9.35
C VAL B 127 -11.81 -9.94 -9.92
N GLY B 128 -12.57 -9.71 -10.99
CA GLY B 128 -13.33 -10.81 -11.55
C GLY B 128 -13.73 -10.51 -12.97
N ARG B 129 -13.94 -11.56 -13.74
CA ARG B 129 -14.41 -11.40 -15.12
C ARG B 129 -15.92 -11.27 -15.09
N LYS B 130 -16.47 -10.31 -15.84
CA LYS B 130 -17.92 -10.23 -15.91
C LYS B 130 -18.45 -11.48 -16.61
N GLY B 131 -19.41 -12.15 -15.97
CA GLY B 131 -19.91 -13.43 -16.41
C GLY B 131 -19.19 -14.61 -15.79
N GLY B 132 -18.14 -14.36 -15.02
CA GLY B 132 -17.38 -15.40 -14.36
C GLY B 132 -16.08 -15.71 -15.05
N PRO B 133 -15.09 -16.18 -14.29
CA PRO B 133 -15.13 -16.37 -12.84
C PRO B 133 -14.56 -15.17 -12.08
N VAL B 134 -14.67 -15.24 -10.74
CA VAL B 134 -13.95 -14.32 -9.87
C VAL B 134 -12.49 -14.75 -9.82
N PHE B 135 -11.57 -13.78 -9.87
CA PHE B 135 -10.15 -14.06 -9.71
C PHE B 135 -9.65 -13.91 -8.27
N GLY B 136 -10.13 -12.92 -7.54
CA GLY B 136 -9.78 -12.77 -6.13
C GLY B 136 -10.67 -11.77 -5.45
N GLU B 137 -10.73 -11.85 -4.12
CA GLU B 137 -11.56 -10.91 -3.37
C GLU B 137 -11.07 -10.89 -1.95
N LYS B 138 -11.04 -9.69 -1.36
CA LYS B 138 -10.73 -9.52 0.06
C LYS B 138 -11.68 -8.50 0.66
N HIS B 139 -11.99 -8.67 1.95
CA HIS B 139 -12.98 -7.84 2.61
C HIS B 139 -12.64 -7.84 4.08
N SER B 140 -12.64 -6.65 4.70
CA SER B 140 -12.49 -6.53 6.14
C SER B 140 -13.63 -5.69 6.70
N LYS B 141 -14.41 -6.25 7.61
CA LYS B 141 -15.46 -5.49 8.25
C LYS B 141 -14.86 -4.52 9.26
N SER B 142 -15.37 -3.30 9.29
CA SER B 142 -15.01 -2.37 10.35
C SER B 142 -15.40 -2.95 11.72
N PRO B 143 -14.51 -2.87 12.71
CA PRO B 143 -14.84 -3.40 14.04
C PRO B 143 -15.59 -2.45 14.94
N ALA B 144 -15.70 -1.18 14.58
CA ALA B 144 -16.36 -0.20 15.43
C ALA B 144 -16.87 0.94 14.57
N LEU B 145 -17.86 1.66 15.09
CA LEU B 145 -18.44 2.79 14.37
C LEU B 145 -17.38 3.83 14.02
N SER B 146 -16.41 4.04 14.91
CA SER B 146 -15.37 5.04 14.71
C SER B 146 -14.12 4.45 14.07
N SER B 147 -14.17 3.21 13.59
CA SER B 147 -13.02 2.55 12.98
C SER B 147 -13.36 2.18 11.54
N TRP B 148 -12.33 1.75 10.83
CA TRP B 148 -12.44 1.25 9.47
C TRP B 148 -12.04 -0.21 9.45
N GLY B 149 -12.44 -0.93 8.40
CA GLY B 149 -11.88 -2.23 8.18
C GLY B 149 -10.37 -2.17 8.08
N ASP B 150 -9.72 -3.33 8.25
CA ASP B 150 -8.28 -3.37 8.08
C ASP B 150 -7.93 -3.14 6.62
N PRO B 151 -6.78 -2.54 6.34
CA PRO B 151 -6.33 -2.46 4.94
C PRO B 151 -6.23 -3.87 4.38
N VAL B 152 -6.62 -4.02 3.13
CA VAL B 152 -6.53 -5.31 2.47
C VAL B 152 -5.74 -5.12 1.19
N LEU B 153 -4.87 -6.08 0.90
CA LEU B 153 -4.08 -6.08 -0.32
C LEU B 153 -4.33 -7.39 -1.04
N LEU B 154 -5.06 -7.32 -2.15
CA LEU B 154 -5.35 -8.50 -2.95
C LEU B 154 -4.31 -8.59 -4.05
N LYS B 155 -3.72 -9.77 -4.21
CA LYS B 155 -2.76 -10.02 -5.29
C LYS B 155 -3.28 -11.23 -6.05
N THR B 156 -3.53 -11.07 -7.34
CA THR B 156 -4.08 -12.20 -8.08
C THR B 156 -3.61 -12.20 -9.52
N ASP B 157 -3.57 -13.39 -10.11
CA ASP B 157 -3.23 -13.57 -11.52
C ASP B 157 -4.51 -13.56 -12.35
N VAL B 158 -4.46 -12.91 -13.50
CA VAL B 158 -5.58 -12.88 -14.44
C VAL B 158 -5.07 -13.38 -15.77
N PRO B 159 -5.57 -14.51 -16.28
CA PRO B 159 -5.13 -14.98 -17.60
C PRO B 159 -5.73 -14.14 -18.71
N LEU B 160 -4.92 -13.83 -19.71
CA LEU B 160 -5.43 -13.10 -20.86
C LEU B 160 -6.24 -14.02 -21.76
N SER B 161 -7.16 -13.44 -22.49
CA SER B 161 -7.90 -14.20 -23.49
C SER B 161 -7.23 -14.06 -24.85
N SER B 162 -7.78 -14.76 -25.83
CA SER B 162 -7.24 -14.71 -27.19
C SER B 162 -7.55 -13.37 -27.85
#